data_9D8Q
#
_entry.id   9D8Q
#
_cell.length_a   167.184
_cell.length_b   167.184
_cell.length_c   167.184
_cell.angle_alpha   90.00
_cell.angle_beta   90.00
_cell.angle_gamma   90.00
#
_symmetry.space_group_name_H-M   'I 41 3 2'
#
loop_
_entity.id
_entity.type
_entity.pdbx_description
1 polymer 'Estrogen receptor'
2 polymer 'Nuclear receptor coactivator 2'
3 non-polymer ESTRADIOL
4 water water
#
loop_
_entity_poly.entity_id
_entity_poly.type
_entity_poly.pdbx_seq_one_letter_code
_entity_poly.pdbx_strand_id
1 'polypeptide(L)'
;HHHHHHMPPEQVLILLQGAEPPILCSRQKLSRPYTEVTMMTLLTSMADKELVHMIAWAKKLPGFLQLSLHDQVLLLESSW
LEVLMIGLIWRSIHCPGKLIFAQDLILDRNEGDCVEGMTEIFDMLLATASRFRLLKLKPEEFLCLKAIILLNSGAFSFCT
GTMEPLHDSTAVQNMLDTITDALIHHISQSGYSAQQQARRQAQLLLLLSHIRHMSNKGMEHLYSMKCKNKVPLYDLLLEM
LDAHHLHQPV
;
A
2 'polypeptide(L)' KHKILHRLLQDSS B
#
loop_
_chem_comp.id
_chem_comp.type
_chem_comp.name
_chem_comp.formula
EST non-polymer ESTRADIOL 'C18 H24 O2'
#
# COMPACT_ATOMS: atom_id res chain seq x y z
N MET A 7 17.90 16.89 -5.49
CA MET A 7 16.58 17.37 -5.10
C MET A 7 16.45 17.37 -3.57
N PRO A 8 16.23 18.55 -3.01
CA PRO A 8 16.19 18.68 -1.54
C PRO A 8 15.01 17.93 -0.96
N PRO A 9 15.14 17.41 0.28
CA PRO A 9 14.05 16.57 0.82
C PRO A 9 12.75 17.32 1.06
N GLU A 10 12.79 18.58 1.54
CA GLU A 10 11.54 19.29 1.79
C GLU A 10 10.69 19.43 0.54
N GLN A 11 11.33 19.58 -0.63
CA GLN A 11 10.57 19.52 -1.87
C GLN A 11 10.06 18.12 -2.13
N VAL A 12 10.79 17.09 -1.70
CA VAL A 12 10.34 15.71 -1.88
C VAL A 12 9.06 15.47 -1.10
N LEU A 13 8.96 16.03 0.10
CA LEU A 13 7.73 15.88 0.89
C LEU A 13 6.52 16.53 0.21
N ILE A 14 6.73 17.66 -0.46
CA ILE A 14 5.61 18.28 -1.18
C ILE A 14 5.26 17.47 -2.42
N LEU A 15 6.28 16.93 -3.09
CA LEU A 15 5.99 16.14 -4.29
C LEU A 15 5.23 14.88 -3.92
N LEU A 16 5.58 14.25 -2.80
CA LEU A 16 4.85 13.07 -2.37
C LEU A 16 3.39 13.40 -2.06
N GLN A 17 3.14 14.58 -1.50
CA GLN A 17 1.76 14.99 -1.25
C GLN A 17 1.03 15.25 -2.56
N GLY A 18 1.71 15.87 -3.53
CA GLY A 18 1.05 16.14 -4.79
C GLY A 18 0.70 14.87 -5.55
N ALA A 19 1.55 13.86 -5.45
CA ALA A 19 1.31 12.60 -6.14
C ALA A 19 0.16 11.79 -5.56
N GLU A 20 -0.50 12.28 -4.51
CA GLU A 20 -1.51 11.48 -3.82
C GLU A 20 -2.71 11.20 -4.73
N PRO A 21 -3.21 9.96 -4.76
CA PRO A 21 -4.36 9.65 -5.61
C PRO A 21 -5.61 10.36 -5.09
N PRO A 22 -6.66 10.42 -5.91
CA PRO A 22 -7.86 11.13 -5.47
C PRO A 22 -8.63 10.34 -4.44
N ILE A 23 -9.52 11.04 -3.73
CA ILE A 23 -10.46 10.40 -2.85
C ILE A 23 -11.50 9.65 -3.68
N LEU A 24 -11.76 8.40 -3.32
CA LEU A 24 -12.68 7.56 -4.07
C LEU A 24 -13.95 7.27 -3.27
N CYS A 25 -15.01 6.94 -4.01
CA CYS A 25 -16.31 6.62 -3.43
C CYS A 25 -16.79 5.27 -3.97
N SER A 26 -17.76 4.68 -3.28
CA SER A 26 -18.34 3.40 -3.68
C SER A 26 -19.76 3.63 -4.23
N ARG A 27 -20.53 2.56 -4.33
CA ARG A 27 -21.90 2.64 -4.83
C ARG A 27 -22.73 1.43 -4.43
N TYR A 34 -25.02 -7.27 4.25
CA TYR A 34 -24.05 -7.83 3.32
C TYR A 34 -23.78 -9.30 3.60
N THR A 35 -23.71 -10.12 2.55
CA THR A 35 -23.35 -11.52 2.67
C THR A 35 -21.93 -11.73 2.11
N GLU A 36 -21.56 -13.00 1.90
CA GLU A 36 -20.19 -13.33 1.49
C GLU A 36 -19.85 -12.73 0.15
N VAL A 37 -20.66 -13.03 -0.88
CA VAL A 37 -20.39 -12.53 -2.22
C VAL A 37 -20.45 -11.01 -2.26
N THR A 38 -21.39 -10.42 -1.52
CA THR A 38 -21.52 -8.96 -1.51
C THR A 38 -20.32 -8.30 -0.83
N MET A 39 -19.89 -8.82 0.32
CA MET A 39 -18.69 -8.28 0.96
C MET A 39 -17.50 -8.34 0.02
N MET A 40 -17.26 -9.51 -0.58
CA MET A 40 -16.10 -9.66 -1.46
C MET A 40 -16.19 -8.76 -2.69
N THR A 41 -17.38 -8.67 -3.31
CA THR A 41 -17.54 -7.80 -4.47
C THR A 41 -17.21 -6.36 -4.10
N LEU A 42 -17.74 -5.88 -2.97
CA LEU A 42 -17.53 -4.50 -2.54
C LEU A 42 -16.06 -4.21 -2.31
N LEU A 43 -15.35 -5.11 -1.61
CA LEU A 43 -13.93 -4.87 -1.34
C LEU A 43 -13.07 -5.06 -2.58
N THR A 44 -13.36 -6.09 -3.39
CA THR A 44 -12.58 -6.28 -4.61
C THR A 44 -12.88 -5.20 -5.62
N SER A 45 -14.11 -4.67 -5.63
CA SER A 45 -14.42 -3.53 -6.49
C SER A 45 -13.59 -2.32 -6.09
N MET A 46 -13.51 -2.05 -4.79
CA MET A 46 -12.73 -0.91 -4.32
C MET A 46 -11.24 -1.12 -4.59
N ALA A 47 -10.77 -2.35 -4.49
CA ALA A 47 -9.37 -2.62 -4.76
C ALA A 47 -9.02 -2.34 -6.21
N ASP A 48 -9.84 -2.83 -7.15
CA ASP A 48 -9.55 -2.64 -8.56
C ASP A 48 -9.55 -1.16 -8.94
N LYS A 49 -10.51 -0.41 -8.38
CA LYS A 49 -10.55 1.02 -8.66
C LYS A 49 -9.31 1.72 -8.11
N GLU A 50 -8.92 1.42 -6.86
CA GLU A 50 -7.71 2.01 -6.31
C GLU A 50 -6.46 1.56 -7.06
N LEU A 51 -6.46 0.32 -7.58
CA LEU A 51 -5.29 -0.17 -8.30
C LEU A 51 -5.00 0.70 -9.51
N VAL A 52 -6.05 1.15 -10.20
CA VAL A 52 -5.90 1.99 -11.38
C VAL A 52 -5.19 3.29 -11.04
N HIS A 53 -5.61 3.95 -9.94
CA HIS A 53 -5.00 5.21 -9.54
C HIS A 53 -3.66 5.03 -8.86
N MET A 54 -3.42 3.86 -8.25
CA MET A 54 -2.11 3.57 -7.72
C MET A 54 -1.06 3.53 -8.82
N ILE A 55 -1.43 3.08 -10.03
CA ILE A 55 -0.50 3.16 -11.15
C ILE A 55 -0.10 4.60 -11.41
N ALA A 56 -1.09 5.50 -11.47
CA ALA A 56 -0.80 6.93 -11.66
C ALA A 56 0.03 7.49 -10.51
N TRP A 57 -0.25 7.07 -9.28
CA TRP A 57 0.53 7.56 -8.15
C TRP A 57 2.01 7.22 -8.32
N ALA A 58 2.31 5.96 -8.68
CA ALA A 58 3.70 5.54 -8.80
C ALA A 58 4.44 6.35 -9.85
N LYS A 59 3.80 6.59 -11.00
CA LYS A 59 4.47 7.31 -12.08
C LYS A 59 4.95 8.69 -11.65
N LYS A 60 4.17 9.38 -10.81
CA LYS A 60 4.57 10.69 -10.31
C LYS A 60 5.75 10.65 -9.34
N LEU A 61 6.12 9.48 -8.82
CA LEU A 61 7.23 9.42 -7.86
C LEU A 61 8.55 9.68 -8.59
N PRO A 62 9.42 10.51 -8.00
CA PRO A 62 10.62 10.96 -8.72
C PRO A 62 11.52 9.78 -9.06
N GLY A 63 11.92 9.72 -10.32
CA GLY A 63 12.75 8.64 -10.80
C GLY A 63 11.99 7.40 -11.22
N PHE A 64 10.68 7.31 -10.95
CA PHE A 64 9.95 6.10 -11.29
C PHE A 64 9.85 5.93 -12.80
N LEU A 65 9.51 7.01 -13.50
CA LEU A 65 9.35 6.92 -14.96
C LEU A 65 10.66 6.65 -15.66
N GLN A 66 11.78 7.06 -15.05
CA GLN A 66 13.08 6.80 -15.66
C GLN A 66 13.48 5.34 -15.56
N LEU A 67 12.82 4.58 -14.69
CA LEU A 67 13.07 3.14 -14.63
C LEU A 67 12.56 2.47 -15.91
N SER A 68 13.05 1.26 -16.15
CA SER A 68 12.54 0.48 -17.27
C SER A 68 11.09 0.09 -17.00
N LEU A 69 10.34 -0.16 -18.07
CA LEU A 69 8.99 -0.68 -17.90
C LEU A 69 9.00 -2.01 -17.17
N HIS A 70 10.07 -2.80 -17.32
CA HIS A 70 10.20 -4.06 -16.59
C HIS A 70 10.32 -3.85 -15.09
N ASP A 71 11.01 -2.79 -14.68
CA ASP A 71 11.14 -2.50 -13.25
C ASP A 71 9.88 -1.84 -12.69
N GLN A 72 9.20 -1.01 -13.47
CA GLN A 72 7.98 -0.37 -12.97
C GLN A 72 6.92 -1.41 -12.62
N VAL A 73 6.70 -2.39 -13.50
CA VAL A 73 5.72 -3.43 -13.21
C VAL A 73 6.17 -4.27 -12.04
N LEU A 74 7.48 -4.44 -11.88
CA LEU A 74 8.01 -5.33 -10.87
C LEU A 74 7.71 -4.79 -9.47
N LEU A 75 7.94 -3.50 -9.24
CA LEU A 75 7.67 -2.94 -7.91
C LEU A 75 6.20 -2.94 -7.61
N LEU A 76 5.36 -2.60 -8.61
CA LEU A 76 3.93 -2.56 -8.37
C LEU A 76 3.36 -3.96 -8.17
N GLU A 77 3.87 -4.94 -8.92
CA GLU A 77 3.40 -6.32 -8.76
C GLU A 77 3.72 -6.87 -7.37
N SER A 78 4.84 -6.45 -6.77
CA SER A 78 5.31 -7.04 -5.53
C SER A 78 4.70 -6.40 -4.29
N SER A 79 4.27 -5.15 -4.39
CA SER A 79 3.88 -4.38 -3.23
C SER A 79 2.46 -3.85 -3.28
N TRP A 80 1.67 -4.21 -4.30
CA TRP A 80 0.39 -3.53 -4.48
C TRP A 80 -0.53 -3.75 -3.29
N LEU A 81 -0.50 -4.93 -2.68
CA LEU A 81 -1.39 -5.15 -1.54
C LEU A 81 -0.88 -4.42 -0.31
N GLU A 82 0.43 -4.44 -0.08
CA GLU A 82 1.00 -3.61 1.00
C GLU A 82 0.60 -2.15 0.82
N VAL A 83 0.81 -1.60 -0.39
CA VAL A 83 0.46 -0.20 -0.66
C VAL A 83 -1.02 0.05 -0.44
N LEU A 84 -1.87 -0.89 -0.84
CA LEU A 84 -3.30 -0.75 -0.59
C LEU A 84 -3.59 -0.67 0.91
N MET A 85 -3.05 -1.62 1.68
CA MET A 85 -3.45 -1.73 3.07
C MET A 85 -2.95 -0.55 3.91
N ILE A 86 -1.72 -0.10 3.70
CA ILE A 86 -1.27 1.08 4.43
C ILE A 86 -2.18 2.27 4.11
N GLY A 87 -2.71 2.32 2.88
CA GLY A 87 -3.67 3.36 2.55
C GLY A 87 -4.98 3.20 3.30
N LEU A 88 -5.51 1.98 3.35
CA LEU A 88 -6.72 1.71 4.11
C LEU A 88 -6.52 1.97 5.59
N ILE A 89 -5.35 1.59 6.11
CA ILE A 89 -5.06 1.85 7.52
C ILE A 89 -5.00 3.35 7.78
N TRP A 90 -4.35 4.09 6.87
CA TRP A 90 -4.18 5.52 7.05
C TRP A 90 -5.49 6.27 6.94
N ARG A 91 -6.43 5.76 6.14
CA ARG A 91 -7.74 6.40 6.10
C ARG A 91 -8.55 6.11 7.35
N SER A 92 -8.21 5.05 8.07
CA SER A 92 -8.92 4.64 9.28
C SER A 92 -8.15 4.99 10.55
N ILE A 93 -7.16 5.89 10.46
CA ILE A 93 -6.32 6.16 11.62
C ILE A 93 -7.15 6.81 12.73
N HIS A 94 -8.12 7.63 12.36
CA HIS A 94 -8.92 8.40 13.31
C HIS A 94 -10.38 7.97 13.31
N CYS A 95 -10.62 6.67 13.09
CA CYS A 95 -11.92 6.04 13.26
C CYS A 95 -11.75 4.67 13.89
N PRO A 96 -12.11 4.50 15.15
CA PRO A 96 -11.77 3.27 15.87
C PRO A 96 -12.71 2.13 15.52
N GLY A 97 -12.19 0.91 15.63
CA GLY A 97 -12.97 -0.29 15.39
C GLY A 97 -13.67 -0.31 14.04
N LYS A 98 -13.15 0.49 13.11
CA LYS A 98 -13.78 0.65 11.81
C LYS A 98 -12.70 0.79 10.74
N LEU A 99 -12.95 0.19 9.59
CA LEU A 99 -12.05 0.26 8.44
C LEU A 99 -12.68 1.13 7.37
N ILE A 100 -11.99 2.20 6.99
CA ILE A 100 -12.55 3.22 6.12
C ILE A 100 -11.99 2.92 4.73
N PHE A 101 -12.65 2.01 4.00
CA PHE A 101 -12.16 1.72 2.66
C PHE A 101 -12.43 2.87 1.72
N ALA A 102 -13.68 3.33 1.68
CA ALA A 102 -14.06 4.57 1.02
C ALA A 102 -14.81 5.43 2.01
N GLN A 103 -15.00 6.70 1.66
CA GLN A 103 -15.66 7.63 2.58
C GLN A 103 -17.10 7.20 2.86
N ASP A 104 -17.79 6.62 1.88
CA ASP A 104 -19.15 6.12 2.07
C ASP A 104 -19.20 4.61 2.23
N LEU A 105 -18.07 3.96 2.54
CA LEU A 105 -18.00 2.52 2.73
C LEU A 105 -17.26 2.31 4.06
N ILE A 106 -18.03 2.18 5.14
CA ILE A 106 -17.49 2.10 6.49
C ILE A 106 -17.87 0.73 7.06
N LEU A 107 -16.87 -0.07 7.41
CA LEU A 107 -17.09 -1.40 7.97
C LEU A 107 -16.43 -1.51 9.33
N ASP A 108 -17.03 -2.32 10.20
CA ASP A 108 -16.49 -2.59 11.53
C ASP A 108 -15.96 -4.02 11.58
N ARG A 109 -15.36 -4.38 12.70
CA ARG A 109 -14.78 -5.71 12.86
C ARG A 109 -15.84 -6.80 12.81
N ASN A 110 -17.07 -6.49 13.21
CA ASN A 110 -18.09 -7.51 13.40
C ASN A 110 -18.52 -8.14 12.09
N GLU A 111 -18.84 -7.33 11.08
CA GLU A 111 -19.41 -7.86 9.85
C GLU A 111 -18.37 -8.47 8.92
N GLY A 112 -17.15 -8.72 9.39
CA GLY A 112 -16.26 -9.58 8.64
C GLY A 112 -16.64 -11.05 8.69
N ASP A 113 -17.62 -11.42 9.53
CA ASP A 113 -18.01 -12.82 9.67
C ASP A 113 -18.59 -13.38 8.37
N CYS A 114 -19.18 -12.51 7.55
CA CYS A 114 -19.82 -12.95 6.30
C CYS A 114 -18.85 -13.71 5.41
N VAL A 115 -17.57 -13.35 5.47
CA VAL A 115 -16.52 -13.99 4.68
C VAL A 115 -15.69 -14.86 5.60
N GLU A 116 -15.38 -16.07 5.15
CA GLU A 116 -14.57 -16.96 5.98
C GLU A 116 -13.15 -16.38 6.06
N GLY A 117 -12.59 -16.36 7.26
CA GLY A 117 -11.24 -15.87 7.49
C GLY A 117 -11.06 -14.37 7.34
N MET A 118 -12.09 -13.63 6.95
CA MET A 118 -11.96 -12.19 6.82
C MET A 118 -11.78 -11.51 8.17
N THR A 119 -12.59 -11.89 9.16
CA THR A 119 -12.51 -11.24 10.47
C THR A 119 -11.11 -11.33 11.07
N GLU A 120 -10.32 -12.34 10.67
CA GLU A 120 -8.94 -12.41 11.11
C GLU A 120 -8.11 -11.28 10.51
N ILE A 121 -8.27 -11.03 9.21
CA ILE A 121 -7.49 -9.99 8.54
C ILE A 121 -7.87 -8.60 9.02
N PHE A 122 -9.16 -8.38 9.35
CA PHE A 122 -9.60 -7.07 9.81
C PHE A 122 -8.91 -6.66 11.09
N ASP A 123 -8.70 -7.61 12.01
CA ASP A 123 -8.14 -7.25 13.30
C ASP A 123 -6.70 -6.78 13.16
N MET A 124 -5.91 -7.42 12.30
CA MET A 124 -4.53 -6.96 12.12
C MET A 124 -4.48 -5.58 11.52
N LEU A 125 -5.40 -5.26 10.60
CA LEU A 125 -5.47 -3.91 10.07
C LEU A 125 -5.88 -2.93 11.16
N LEU A 126 -6.91 -3.28 11.93
CA LEU A 126 -7.38 -2.38 12.98
C LEU A 126 -6.30 -2.16 14.03
N ALA A 127 -5.57 -3.21 14.39
CA ALA A 127 -4.48 -3.05 15.37
C ALA A 127 -3.39 -2.14 14.81
N THR A 128 -3.06 -2.31 13.52
CA THR A 128 -2.12 -1.42 12.88
C THR A 128 -2.65 0.00 12.80
N ALA A 129 -3.97 0.16 12.69
CA ALA A 129 -4.56 1.49 12.75
C ALA A 129 -4.43 2.08 14.15
N SER A 130 -4.82 1.32 15.17
CA SER A 130 -4.71 1.81 16.54
C SER A 130 -3.27 2.09 16.91
N ARG A 131 -2.33 1.31 16.38
CA ARG A 131 -0.92 1.62 16.56
C ARG A 131 -0.60 3.01 16.00
N PHE A 132 -1.01 3.26 14.75
CA PHE A 132 -0.71 4.55 14.11
C PHE A 132 -1.14 5.74 14.96
N ARG A 133 -2.23 5.59 15.71
CA ARG A 133 -2.68 6.67 16.59
C ARG A 133 -1.70 6.86 17.72
N LEU A 134 -1.39 5.77 18.43
CA LEU A 134 -0.51 5.86 19.58
C LEU A 134 0.82 6.48 19.20
N LEU A 135 1.33 6.15 18.01
CA LEU A 135 2.53 6.83 17.53
C LEU A 135 2.24 8.23 17.01
N LYS A 136 0.97 8.65 16.98
CA LYS A 136 0.60 9.96 16.46
C LYS A 136 1.21 10.16 15.07
N LEU A 137 0.95 9.20 14.20
CA LEU A 137 1.53 9.22 12.86
C LEU A 137 1.11 10.48 12.12
N LYS A 138 2.06 11.11 11.45
CA LYS A 138 1.80 12.33 10.71
C LYS A 138 1.69 12.02 9.22
N PRO A 139 0.99 12.87 8.47
CA PRO A 139 0.79 12.59 7.03
C PRO A 139 2.08 12.47 6.25
N GLU A 140 3.05 13.34 6.51
CA GLU A 140 4.34 13.22 5.85
C GLU A 140 4.96 11.85 6.14
N GLU A 141 4.89 11.38 7.38
CA GLU A 141 5.43 10.06 7.69
C GLU A 141 4.74 8.98 6.86
N PHE A 142 3.42 9.07 6.71
CA PHE A 142 2.70 8.06 5.96
C PHE A 142 3.10 8.08 4.49
N LEU A 143 3.25 9.26 3.90
CA LEU A 143 3.64 9.36 2.50
C LEU A 143 4.98 8.68 2.24
N CYS A 144 5.99 8.94 3.09
CA CYS A 144 7.25 8.24 2.90
C CYS A 144 7.10 6.74 3.10
N LEU A 145 6.35 6.30 4.13
CA LEU A 145 6.18 4.87 4.34
C LEU A 145 5.56 4.20 3.12
N LYS A 146 4.44 4.74 2.64
CA LYS A 146 3.77 4.13 1.49
C LYS A 146 4.68 4.13 0.27
N ALA A 147 5.52 5.15 0.15
CA ALA A 147 6.47 5.18 -0.96
C ALA A 147 7.57 4.16 -0.71
N ILE A 148 8.12 4.15 0.50
CA ILE A 148 9.16 3.20 0.85
C ILE A 148 8.68 1.76 0.64
N ILE A 149 7.41 1.49 0.94
CA ILE A 149 6.86 0.16 0.72
C ILE A 149 7.01 -0.25 -0.73
N LEU A 150 6.67 0.65 -1.66
CA LEU A 150 6.74 0.32 -3.08
C LEU A 150 8.16 -0.06 -3.49
N LEU A 151 9.15 0.65 -2.97
CA LEU A 151 10.52 0.42 -3.42
C LEU A 151 11.27 -0.63 -2.61
N ASN A 152 10.89 -0.84 -1.35
CA ASN A 152 11.55 -1.86 -0.55
C ASN A 152 11.17 -3.26 -1.02
N SER A 153 10.00 -3.39 -1.63
CA SER A 153 9.63 -4.58 -2.38
C SER A 153 10.57 -4.72 -3.55
N GLY A 154 10.38 -5.76 -4.36
CA GLY A 154 11.33 -6.00 -5.43
C GLY A 154 12.76 -6.06 -4.95
N ALA A 155 12.98 -6.60 -3.75
CA ALA A 155 14.31 -6.87 -3.25
C ALA A 155 14.65 -8.35 -3.34
N PHE A 156 13.72 -9.19 -3.78
CA PHE A 156 13.95 -10.60 -4.03
C PHE A 156 13.06 -11.09 -5.17
N SER A 157 11.76 -11.21 -4.91
CA SER A 157 10.81 -11.62 -5.94
C SER A 157 10.40 -10.43 -6.82
N MET A 163 10.14 -15.57 -8.76
CA MET A 163 10.77 -14.28 -8.54
C MET A 163 11.19 -13.66 -9.86
N GLU A 164 12.10 -12.68 -9.78
CA GLU A 164 12.53 -11.86 -10.90
C GLU A 164 13.58 -10.89 -10.40
N PRO A 165 14.60 -10.58 -11.22
CA PRO A 165 15.57 -9.54 -10.86
C PRO A 165 15.25 -8.12 -11.33
N LEU A 166 15.81 -7.14 -10.60
CA LEU A 166 15.73 -5.74 -11.02
C LEU A 166 16.86 -5.47 -12.00
N HIS A 167 16.48 -4.93 -13.16
CA HIS A 167 17.48 -4.48 -14.13
C HIS A 167 18.42 -3.46 -13.49
N ASP A 168 17.86 -2.38 -12.96
CA ASP A 168 18.61 -1.32 -12.29
C ASP A 168 18.30 -1.36 -10.79
N SER A 169 18.90 -2.33 -10.10
CA SER A 169 18.66 -2.46 -8.66
C SER A 169 19.16 -1.25 -7.89
N THR A 170 20.22 -0.60 -8.37
CA THR A 170 20.77 0.54 -7.65
C THR A 170 19.91 1.80 -7.83
N ALA A 171 19.35 2.01 -9.02
CA ALA A 171 18.48 3.16 -9.23
C ALA A 171 17.30 3.14 -8.26
N VAL A 172 16.74 1.95 -8.01
CA VAL A 172 15.65 1.83 -7.04
C VAL A 172 16.13 2.18 -5.65
N GLN A 173 17.33 1.72 -5.28
CA GLN A 173 17.88 2.10 -3.98
C GLN A 173 18.13 3.60 -3.91
N ASN A 174 18.50 4.22 -5.03
CA ASN A 174 18.65 5.67 -5.04
C ASN A 174 17.33 6.35 -4.72
N MET A 175 16.24 5.91 -5.35
CA MET A 175 14.93 6.48 -5.02
C MET A 175 14.54 6.15 -3.58
N LEU A 176 14.92 4.96 -3.09
CA LEU A 176 14.59 4.62 -1.72
C LEU A 176 15.33 5.50 -0.73
N ASP A 177 16.58 5.86 -1.05
CA ASP A 177 17.36 6.69 -0.15
C ASP A 177 16.91 8.14 -0.17
N THR A 178 16.35 8.60 -1.29
CA THR A 178 15.81 9.95 -1.33
C THR A 178 14.58 10.07 -0.45
N ILE A 179 13.71 9.05 -0.45
CA ILE A 179 12.56 9.03 0.46
C ILE A 179 12.99 8.79 1.90
N THR A 180 14.02 7.96 2.11
CA THR A 180 14.58 7.84 3.44
C THR A 180 15.02 9.20 3.98
N ASP A 181 15.80 9.95 3.19
CA ASP A 181 16.23 11.28 3.63
C ASP A 181 15.07 12.24 3.82
N ALA A 182 14.00 12.09 3.03
CA ALA A 182 12.84 12.95 3.21
C ALA A 182 12.15 12.66 4.55
N LEU A 183 12.00 11.38 4.89
CA LEU A 183 11.41 11.02 6.18
C LEU A 183 12.31 11.44 7.33
N ILE A 184 13.63 11.28 7.15
CA ILE A 184 14.58 11.73 8.16
C ILE A 184 14.46 13.24 8.35
N HIS A 185 14.47 13.99 7.25
CA HIS A 185 14.34 15.44 7.32
C HIS A 185 13.07 15.84 8.06
N HIS A 186 11.94 15.19 7.72
CA HIS A 186 10.66 15.50 8.36
C HIS A 186 10.73 15.31 9.87
N ILE A 187 11.37 14.22 10.32
CA ILE A 187 11.44 13.98 11.75
C ILE A 187 12.39 14.95 12.43
N SER A 188 13.43 15.40 11.72
CA SER A 188 14.42 16.30 12.30
C SER A 188 13.83 17.65 12.69
N GLN A 189 12.67 18.03 12.14
CA GLN A 189 11.99 19.28 12.49
C GLN A 189 10.54 19.02 12.85
N SER A 190 10.32 18.10 13.79
CA SER A 190 8.98 17.83 14.30
C SER A 190 8.87 18.00 15.81
N GLY A 191 9.92 18.49 16.46
CA GLY A 191 9.91 18.66 17.90
C GLY A 191 10.44 17.45 18.66
N TYR A 192 11.48 16.81 18.11
CA TYR A 192 12.05 15.60 18.69
C TYR A 192 13.53 15.83 19.00
N SER A 193 13.97 15.38 20.17
CA SER A 193 15.38 15.47 20.50
C SER A 193 16.17 14.40 19.76
N ALA A 194 17.49 14.56 19.72
CA ALA A 194 18.35 13.62 19.01
C ALA A 194 18.27 12.20 19.55
N GLN A 195 17.69 12.00 20.74
CA GLN A 195 17.47 10.65 21.25
C GLN A 195 16.21 10.04 20.64
N GLN A 196 15.07 10.75 20.73
CA GLN A 196 13.84 10.24 20.15
C GLN A 196 13.77 10.47 18.64
N GLN A 197 14.56 11.41 18.11
CA GLN A 197 14.61 11.58 16.66
C GLN A 197 15.05 10.28 15.99
N ALA A 198 16.16 9.70 16.44
CA ALA A 198 16.71 8.52 15.80
C ALA A 198 15.90 7.26 16.06
N ARG A 199 15.02 7.27 17.07
CA ARG A 199 14.20 6.11 17.39
C ARG A 199 12.82 6.15 16.75
N ARG A 200 12.28 7.35 16.48
CA ARG A 200 11.02 7.43 15.76
C ARG A 200 11.13 6.80 14.38
N GLN A 201 12.24 7.06 13.69
CA GLN A 201 12.50 6.35 12.43
C GLN A 201 12.42 4.84 12.64
N ALA A 202 12.97 4.34 13.75
CA ALA A 202 12.95 2.90 13.99
C ALA A 202 11.52 2.42 14.22
N GLN A 203 10.73 3.14 15.02
CA GLN A 203 9.38 2.68 15.31
C GLN A 203 8.51 2.66 14.06
N LEU A 204 8.75 3.56 13.10
CA LEU A 204 7.95 3.59 11.89
C LEU A 204 8.36 2.50 10.91
N LEU A 205 9.66 2.20 10.82
CA LEU A 205 10.09 1.19 9.86
C LEU A 205 9.81 -0.23 10.37
N LEU A 206 9.77 -0.42 11.69
CA LEU A 206 9.43 -1.74 12.22
C LEU A 206 7.99 -2.13 11.90
N LEU A 207 7.13 -1.14 11.64
CA LEU A 207 5.76 -1.44 11.22
C LEU A 207 5.70 -2.08 9.85
N LEU A 208 6.73 -1.88 9.02
CA LEU A 208 6.73 -2.45 7.67
C LEU A 208 6.74 -3.97 7.69
N SER A 209 7.32 -4.59 8.73
CA SER A 209 7.29 -6.05 8.78
C SER A 209 5.86 -6.56 8.95
N HIS A 210 5.09 -5.94 9.85
CA HIS A 210 3.73 -6.40 10.08
CA HIS A 210 3.73 -6.41 10.08
C HIS A 210 2.86 -6.17 8.86
N ILE A 211 3.03 -5.04 8.17
CA ILE A 211 2.26 -4.79 6.96
C ILE A 211 2.55 -5.84 5.90
N ARG A 212 3.83 -6.17 5.72
CA ARG A 212 4.20 -7.24 4.78
C ARG A 212 3.57 -8.56 5.19
N HIS A 213 3.44 -8.80 6.50
CA HIS A 213 2.82 -10.03 6.98
C HIS A 213 1.36 -10.09 6.55
N MET A 214 0.61 -9.01 6.79
CA MET A 214 -0.76 -8.92 6.30
C MET A 214 -0.81 -9.05 4.78
N SER A 215 0.22 -8.59 4.08
CA SER A 215 0.21 -8.77 2.63
C SER A 215 0.17 -10.23 2.26
N ASN A 216 1.03 -11.05 2.88
CA ASN A 216 1.03 -12.47 2.59
C ASN A 216 -0.27 -13.13 3.01
N LYS A 217 -0.89 -12.67 4.10
CA LYS A 217 -2.18 -13.21 4.49
C LYS A 217 -3.29 -12.75 3.55
N GLY A 218 -3.24 -11.50 3.10
CA GLY A 218 -4.26 -11.01 2.17
C GLY A 218 -4.16 -11.69 0.81
N MET A 219 -2.94 -11.80 0.28
CA MET A 219 -2.73 -12.50 -0.99
C MET A 219 -3.23 -13.95 -0.91
N GLU A 220 -2.91 -14.66 0.16
CA GLU A 220 -3.35 -16.05 0.28
C GLU A 220 -4.86 -16.14 0.45
N HIS A 221 -5.47 -15.18 1.14
CA HIS A 221 -6.92 -15.18 1.25
C HIS A 221 -7.57 -14.85 -0.09
N LEU A 222 -7.05 -13.83 -0.77
CA LEU A 222 -7.60 -13.48 -2.06
C LEU A 222 -7.36 -14.59 -3.10
N TYR A 223 -6.43 -15.52 -2.86
CA TYR A 223 -6.21 -16.62 -3.78
C TYR A 223 -7.18 -17.78 -3.53
N SER A 224 -7.45 -18.11 -2.27
CA SER A 224 -8.46 -19.13 -1.98
C SER A 224 -9.80 -18.75 -2.60
N MET A 225 -10.24 -17.51 -2.38
CA MET A 225 -11.33 -16.96 -3.17
C MET A 225 -10.85 -16.75 -4.61
N LYS A 226 -11.80 -16.73 -5.53
CA LYS A 226 -11.55 -16.74 -6.97
C LYS A 226 -11.12 -18.13 -7.44
N CYS A 227 -10.33 -18.85 -6.63
CA CYS A 227 -10.19 -20.28 -6.85
C CYS A 227 -11.39 -21.05 -6.33
N LYS A 228 -12.16 -20.44 -5.42
CA LYS A 228 -13.49 -20.91 -5.06
C LYS A 228 -14.55 -20.31 -5.97
N ASN A 229 -14.14 -19.53 -6.98
CA ASN A 229 -15.04 -18.89 -7.93
C ASN A 229 -16.10 -18.05 -7.19
N LYS A 230 -15.61 -17.06 -6.46
CA LYS A 230 -16.48 -16.14 -5.76
C LYS A 230 -16.02 -14.69 -5.84
N VAL A 231 -14.94 -14.38 -6.55
CA VAL A 231 -14.45 -13.01 -6.72
C VAL A 231 -14.82 -12.53 -8.12
N PRO A 232 -15.40 -11.34 -8.27
CA PRO A 232 -15.83 -10.88 -9.59
C PRO A 232 -14.64 -10.77 -10.55
N LEU A 233 -14.94 -10.79 -11.84
CA LEU A 233 -13.92 -10.65 -12.88
C LEU A 233 -13.46 -9.21 -12.97
N TYR A 234 -12.28 -8.95 -12.42
CA TYR A 234 -11.55 -7.71 -12.69
C TYR A 234 -10.23 -8.08 -13.35
N ASP A 235 -9.90 -7.36 -14.41
CA ASP A 235 -8.73 -7.72 -15.21
C ASP A 235 -7.45 -7.15 -14.64
N LEU A 236 -7.51 -6.08 -13.86
CA LEU A 236 -6.31 -5.54 -13.23
C LEU A 236 -6.01 -6.22 -11.90
N LEU A 237 -7.02 -6.36 -11.05
CA LEU A 237 -6.83 -7.04 -9.78
C LEU A 237 -6.30 -8.45 -10.00
N LEU A 238 -6.91 -9.20 -10.94
CA LEU A 238 -6.49 -10.57 -11.18
C LEU A 238 -5.08 -10.64 -11.79
N GLU A 239 -4.71 -9.65 -12.60
CA GLU A 239 -3.34 -9.62 -13.10
C GLU A 239 -2.34 -9.38 -11.99
N MET A 240 -2.73 -8.62 -10.97
CA MET A 240 -1.83 -8.34 -9.86
C MET A 240 -1.71 -9.54 -8.94
N LEU A 241 -2.81 -10.27 -8.72
CA LEU A 241 -2.74 -11.50 -7.93
C LEU A 241 -1.95 -12.57 -8.67
N ASP A 242 -2.23 -12.72 -9.96
CA ASP A 242 -1.50 -13.69 -10.78
C ASP A 242 -0.02 -13.37 -10.84
N ALA A 243 0.37 -12.13 -10.58
CA ALA A 243 1.78 -11.75 -10.60
C ALA A 243 2.59 -12.40 -9.49
N HIS A 244 1.94 -12.92 -8.45
CA HIS A 244 2.65 -13.61 -7.37
C HIS A 244 2.77 -15.11 -7.62
N HIS A 245 1.91 -15.68 -8.46
CA HIS A 245 1.98 -17.09 -8.85
C HIS A 245 1.98 -18.00 -7.63
N LEU A 246 0.91 -17.91 -6.84
CA LEU A 246 0.77 -18.75 -5.67
C LEU A 246 0.15 -20.10 -6.07
N HIS A 247 0.06 -21.03 -5.12
CA HIS A 247 -0.49 -22.35 -5.39
C HIS A 247 -1.29 -22.89 -4.21
N HIS B 2 2.18 -9.02 -22.42
CA HIS B 2 1.80 -7.74 -21.83
C HIS B 2 0.55 -7.88 -20.97
N LYS B 3 0.18 -6.79 -20.32
CA LYS B 3 -0.91 -6.77 -19.35
C LYS B 3 -1.63 -5.42 -19.47
N ILE B 4 -2.65 -5.22 -18.63
CA ILE B 4 -3.21 -3.88 -18.47
C ILE B 4 -2.22 -2.98 -17.74
N LEU B 5 -1.41 -3.55 -16.85
CA LEU B 5 -0.37 -2.78 -16.19
C LEU B 5 0.57 -2.14 -17.19
N HIS B 6 1.02 -2.91 -18.19
CA HIS B 6 1.89 -2.37 -19.23
C HIS B 6 1.21 -1.22 -19.97
N ARG B 7 -0.11 -1.29 -20.13
CA ARG B 7 -0.82 -0.22 -20.82
C ARG B 7 -0.92 1.03 -19.93
N LEU B 8 -1.34 0.84 -18.68
CA LEU B 8 -1.54 1.99 -17.79
C LEU B 8 -0.22 2.68 -17.46
N LEU B 9 0.88 1.96 -17.56
CA LEU B 9 2.18 2.58 -17.27
C LEU B 9 2.69 3.38 -18.47
N GLN B 10 2.32 2.99 -19.68
CA GLN B 10 2.76 3.68 -20.89
C GLN B 10 1.79 4.77 -21.33
N ASP B 11 0.89 5.21 -20.44
CA ASP B 11 -0.19 6.14 -20.74
C ASP B 11 0.38 7.53 -20.42
N SER B 12 -0.46 8.49 -20.04
CA SER B 12 -0.01 9.85 -19.80
C SER B 12 -0.92 10.54 -18.81
C1 EST C . -9.40 -3.13 -0.60
C2 EST C . -9.03 -1.79 -0.75
C3 EST C . -8.03 -1.22 0.04
O3 EST C . -7.68 0.08 -0.12
C4 EST C . -7.38 -1.97 1.03
C5 EST C . -7.72 -3.30 1.21
C6 EST C . -7.00 -4.10 2.28
C7 EST C . -7.75 -5.40 2.58
C8 EST C . -8.10 -6.11 1.29
C9 EST C . -9.18 -5.34 0.55
C10 EST C . -8.79 -3.91 0.37
C11 EST C . -9.52 -6.03 -0.77
C12 EST C . -9.90 -7.50 -0.59
C13 EST C . -8.83 -8.23 0.20
C14 EST C . -8.64 -7.52 1.52
C15 EST C . -7.84 -8.49 2.37
C16 EST C . -8.28 -9.87 1.89
C17 EST C . -9.15 -9.65 0.65
O17 EST C . -8.83 -10.63 -0.36
C18 EST C . -7.53 -8.23 -0.58
#